data_5BYF
#
_entry.id   5BYF
#
_cell.length_a   56.090
_cell.length_b   63.870
_cell.length_c   181.020
_cell.angle_alpha   90.00
_cell.angle_beta   90.00
_cell.angle_gamma   90.00
#
_symmetry.space_group_name_H-M   'P 21 21 21'
#
loop_
_entity.id
_entity.type
_entity.pdbx_description
1 polymer Ribokinase
2 non-polymer 'ADENOSINE MONOPHOSPHATE'
3 non-polymer 'SODIUM ION'
4 non-polymer 'CHLORIDE ION'
5 water water
#
_entity_poly.entity_id   1
_entity_poly.type   'polypeptide(L)'
_entity_poly.pdbx_seq_one_letter_code
;MAASGEPQRQWQEEVAAVVVVGSCMTDLVSLTSRLPKTGETIHGHKFFIGFGGKGANQCVQAARLGAMTSMVCKVGKDSF
GNDYIENLKQNDISTEFTYQTKDAATGTASIIVNNEGQNIIVIVAGANLLLNTEDLRAAANVISRAKVMVCQLEITPATS
LEALTMARRSGVKTLFNPAPAIADLDPQFYTLSDVFCCNESEAEILTGLTVGSAADAGEAALVLLKRGCQVVIITLGAEG
CVVLSQTEPEPKHIPTEKVKAVDTTGAGDSFVGALAFYLAYYPNLSLEDMLNRSNFIAAVSVQAAGTQSSYPYKKDLPLT
LFLEHHHHHH
;
_entity_poly.pdbx_strand_id   A,B
#
# COMPACT_ATOMS: atom_id res chain seq x y z
N GLU A 13 34.56 6.39 5.30
CA GLU A 13 35.94 5.98 5.87
C GLU A 13 36.44 4.73 5.03
N GLU A 14 35.70 3.67 5.26
CA GLU A 14 35.90 2.40 4.62
C GLU A 14 35.30 2.34 3.16
N VAL A 15 36.04 1.74 2.25
CA VAL A 15 35.64 1.58 0.89
C VAL A 15 34.54 0.53 0.83
N ALA A 16 33.56 0.75 -0.02
CA ALA A 16 32.56 -0.26 -0.16
C ALA A 16 33.10 -1.38 -1.02
N ALA A 17 33.14 -2.57 -0.46
CA ALA A 17 33.58 -3.73 -1.24
C ALA A 17 32.47 -4.36 -2.10
N VAL A 18 31.22 -4.11 -1.76
CA VAL A 18 30.04 -4.63 -2.47
C VAL A 18 29.21 -3.45 -2.92
N VAL A 19 29.03 -3.33 -4.23
N VAL A 19 29.04 -3.31 -4.23
CA VAL A 19 28.17 -2.33 -4.79
CA VAL A 19 28.17 -2.30 -4.80
C VAL A 19 26.99 -3.08 -5.40
C VAL A 19 26.99 -3.06 -5.43
N VAL A 20 25.79 -2.61 -5.14
CA VAL A 20 24.60 -3.24 -5.62
C VAL A 20 23.88 -2.17 -6.46
N VAL A 21 23.75 -2.45 -7.78
CA VAL A 21 23.05 -1.58 -8.63
C VAL A 21 21.73 -2.29 -8.95
N GLY A 22 20.61 -1.75 -8.50
CA GLY A 22 19.32 -2.46 -8.56
C GLY A 22 18.19 -1.81 -7.85
N SER A 23 17.21 -2.63 -7.42
CA SER A 23 15.89 -2.09 -7.11
C SER A 23 15.60 -1.95 -5.57
N CYS A 24 14.87 -0.91 -5.22
CA CYS A 24 14.16 -0.78 -3.96
C CYS A 24 12.67 -0.75 -4.26
N MET A 25 11.94 -1.47 -3.42
CA MET A 25 10.52 -1.45 -3.42
C MET A 25 9.86 -1.52 -2.01
N THR A 26 8.78 -0.81 -1.85
CA THR A 26 7.97 -0.90 -0.65
C THR A 26 6.94 -2.02 -0.75
N ASP A 27 7.03 -2.98 0.17
CA ASP A 27 6.08 -4.09 0.22
C ASP A 27 4.82 -3.61 1.03
N LEU A 28 3.65 -3.74 0.43
CA LEU A 28 2.35 -3.36 1.00
C LEU A 28 1.54 -4.60 1.11
N VAL A 29 1.54 -5.22 2.30
CA VAL A 29 1.10 -6.57 2.49
C VAL A 29 -0.22 -6.62 3.27
N SER A 30 -1.28 -7.21 2.69
CA SER A 30 -2.56 -7.37 3.35
C SER A 30 -2.76 -8.85 3.65
N LEU A 31 -2.97 -9.25 4.92
CA LEU A 31 -3.38 -10.62 5.21
C LEU A 31 -4.91 -10.76 5.23
N THR A 32 -5.46 -11.78 4.56
CA THR A 32 -6.94 -12.03 4.46
C THR A 32 -7.24 -13.46 4.75
N SER A 33 -8.52 -13.80 4.95
CA SER A 33 -8.90 -15.19 5.00
C SER A 33 -8.87 -15.91 3.68
N ARG A 34 -9.41 -15.28 2.66
CA ARG A 34 -9.33 -15.81 1.29
C ARG A 34 -8.89 -14.74 0.27
N LEU A 35 -8.35 -15.17 -0.83
CA LEU A 35 -7.96 -14.20 -1.90
C LEU A 35 -9.23 -13.71 -2.60
N PRO A 36 -9.27 -12.42 -2.95
CA PRO A 36 -10.50 -11.87 -3.56
C PRO A 36 -10.73 -12.37 -5.00
N LYS A 37 -11.95 -12.64 -5.37
CA LYS A 37 -12.37 -12.99 -6.75
C LYS A 37 -12.55 -11.67 -7.52
N THR A 38 -12.55 -11.73 -8.84
CA THR A 38 -12.72 -10.48 -9.65
C THR A 38 -13.96 -9.77 -9.25
N GLY A 39 -13.88 -8.49 -9.04
CA GLY A 39 -14.98 -7.70 -8.54
C GLY A 39 -15.24 -7.65 -7.07
N GLU A 40 -14.45 -8.33 -6.27
CA GLU A 40 -14.80 -8.47 -4.87
C GLU A 40 -14.03 -7.53 -3.99
N THR A 41 -14.76 -7.02 -3.02
CA THR A 41 -14.20 -6.27 -1.95
C THR A 41 -14.17 -7.20 -0.73
N ILE A 42 -13.00 -7.40 -0.17
CA ILE A 42 -12.91 -8.17 1.03
C ILE A 42 -12.25 -7.39 2.13
N HIS A 43 -12.52 -7.81 3.35
CA HIS A 43 -11.84 -7.23 4.47
C HIS A 43 -10.76 -8.16 4.93
N GLY A 44 -9.55 -7.67 5.00
CA GLY A 44 -8.49 -8.43 5.64
C GLY A 44 -8.30 -8.13 7.10
N HIS A 45 -7.36 -8.77 7.70
CA HIS A 45 -7.21 -8.67 9.17
C HIS A 45 -5.96 -8.06 9.65
N LYS A 46 -4.99 -7.80 8.75
CA LYS A 46 -3.72 -7.25 9.11
C LYS A 46 -3.09 -6.63 7.83
N PHE A 47 -2.41 -5.52 7.99
CA PHE A 47 -1.62 -4.86 6.98
C PHE A 47 -0.26 -4.63 7.53
N PHE A 48 0.79 -4.85 6.73
CA PHE A 48 2.18 -4.55 7.16
C PHE A 48 2.88 -3.78 5.96
N ILE A 49 3.75 -2.87 6.28
CA ILE A 49 4.64 -2.33 5.32
C ILE A 49 6.03 -2.87 5.59
N GLY A 50 6.71 -3.18 4.52
CA GLY A 50 7.99 -3.75 4.59
C GLY A 50 8.91 -3.14 3.53
N PHE A 51 10.17 -3.30 3.75
CA PHE A 51 11.22 -2.90 2.77
C PHE A 51 11.69 -4.06 1.88
N GLY A 52 11.43 -3.95 0.57
CA GLY A 52 11.73 -5.01 -0.36
C GLY A 52 12.54 -4.49 -1.53
N GLY A 53 12.47 -5.25 -2.60
CA GLY A 53 13.22 -5.04 -3.84
C GLY A 53 14.40 -5.93 -3.76
N LYS A 54 14.61 -6.67 -4.83
CA LYS A 54 15.72 -7.61 -4.85
C LYS A 54 17.07 -6.95 -4.59
N GLY A 55 17.30 -5.78 -5.15
CA GLY A 55 18.59 -5.19 -4.96
C GLY A 55 18.87 -4.91 -3.46
N ALA A 56 17.97 -4.12 -2.91
CA ALA A 56 18.06 -3.67 -1.51
C ALA A 56 18.13 -4.89 -0.60
N ASN A 57 17.30 -5.94 -0.90
CA ASN A 57 17.34 -7.16 -0.04
C ASN A 57 18.75 -7.79 -0.02
N GLN A 58 19.34 -7.90 -1.22
CA GLN A 58 20.70 -8.45 -1.40
C GLN A 58 21.72 -7.61 -0.66
N CYS A 59 21.53 -6.32 -0.77
CA CYS A 59 22.45 -5.42 -0.18
C CYS A 59 22.39 -5.54 1.39
N VAL A 60 21.16 -5.64 1.92
CA VAL A 60 20.92 -5.65 3.35
C VAL A 60 21.54 -6.90 3.96
N GLN A 61 21.39 -8.04 3.26
CA GLN A 61 21.99 -9.24 3.75
C GLN A 61 23.47 -9.14 3.82
N ALA A 62 24.06 -8.59 2.77
CA ALA A 62 25.55 -8.49 2.77
C ALA A 62 26.01 -7.59 3.88
N ALA A 63 25.27 -6.51 4.08
CA ALA A 63 25.63 -5.50 5.08
C ALA A 63 25.57 -6.07 6.48
N ARG A 64 24.58 -6.87 6.72
CA ARG A 64 24.37 -7.46 8.01
C ARG A 64 25.41 -8.47 8.37
N LEU A 65 26.02 -9.11 7.37
CA LEU A 65 27.11 -9.97 7.61
C LEU A 65 28.40 -9.23 7.83
N GLY A 66 28.42 -7.93 7.59
CA GLY A 66 29.63 -7.12 7.81
C GLY A 66 30.17 -6.42 6.62
N ALA A 67 29.59 -6.60 5.41
CA ALA A 67 30.14 -5.92 4.25
C ALA A 67 29.90 -4.42 4.35
N MET A 68 30.85 -3.65 3.88
CA MET A 68 30.60 -2.29 3.50
C MET A 68 30.04 -2.24 2.13
N THR A 69 28.81 -1.73 2.06
CA THR A 69 28.02 -1.77 0.83
C THR A 69 27.66 -0.41 0.33
N SER A 70 27.35 -0.31 -0.96
CA SER A 70 26.84 0.93 -1.50
C SER A 70 25.67 0.55 -2.37
N MET A 71 24.51 1.10 -2.11
CA MET A 71 23.28 0.81 -2.87
C MET A 71 23.04 1.86 -3.96
N VAL A 72 23.06 1.44 -5.20
CA VAL A 72 22.89 2.42 -6.32
C VAL A 72 21.48 2.11 -6.79
N CYS A 73 20.59 3.07 -6.71
CA CYS A 73 19.15 2.85 -6.98
C CYS A 73 18.40 4.13 -7.04
N LYS A 74 17.15 4.08 -7.40
CA LYS A 74 16.40 5.32 -7.49
C LYS A 74 14.99 4.99 -6.88
N VAL A 75 14.60 5.87 -5.97
CA VAL A 75 13.33 5.91 -5.32
C VAL A 75 12.72 7.28 -5.54
N GLY A 76 11.46 7.41 -5.11
CA GLY A 76 10.73 8.69 -5.20
C GLY A 76 11.11 9.71 -4.18
N LYS A 77 10.82 10.94 -4.47
CA LYS A 77 10.82 12.04 -3.48
C LYS A 77 9.49 11.96 -2.84
N ASP A 78 9.21 10.92 -2.09
CA ASP A 78 7.90 10.75 -1.49
C ASP A 78 8.23 10.04 -0.15
N SER A 79 7.19 9.81 0.63
CA SER A 79 7.38 9.23 1.93
C SER A 79 7.98 7.84 1.82
N PHE A 80 7.52 7.04 0.89
CA PHE A 80 8.12 5.76 0.75
C PHE A 80 9.65 5.86 0.50
N GLY A 81 10.06 6.80 -0.34
CA GLY A 81 11.45 6.91 -0.68
C GLY A 81 12.27 7.45 0.47
N ASN A 82 11.77 8.45 1.18
CA ASN A 82 12.46 8.90 2.40
C ASN A 82 12.56 7.81 3.44
N ASP A 83 11.52 7.03 3.62
CA ASP A 83 11.59 5.89 4.51
C ASP A 83 12.56 4.83 4.07
N TYR A 84 12.65 4.58 2.75
CA TYR A 84 13.59 3.63 2.23
C TYR A 84 15.04 4.09 2.47
N ILE A 85 15.33 5.31 2.22
CA ILE A 85 16.70 5.77 2.52
C ILE A 85 17.09 5.54 4.01
N GLU A 86 16.11 5.82 4.95
CA GLU A 86 16.34 5.63 6.34
C GLU A 86 16.55 4.13 6.67
N ASN A 87 15.84 3.23 6.00
CA ASN A 87 16.08 1.80 6.11
C ASN A 87 17.47 1.44 5.71
N LEU A 88 17.93 1.95 4.56
CA LEU A 88 19.29 1.65 4.13
C LEU A 88 20.35 2.15 5.13
N LYS A 89 20.17 3.39 5.56
CA LYS A 89 21.09 3.96 6.55
C LYS A 89 21.12 3.25 7.89
N GLN A 90 19.96 2.76 8.29
CA GLN A 90 19.83 2.00 9.49
C GLN A 90 20.52 0.67 9.39
N ASN A 91 20.64 0.15 8.17
CA ASN A 91 21.46 -1.03 7.95
C ASN A 91 22.92 -0.83 7.58
N ASP A 92 23.43 0.37 7.86
CA ASP A 92 24.77 0.74 7.54
C ASP A 92 25.22 0.62 6.05
N ILE A 93 24.28 0.81 5.14
CA ILE A 93 24.50 0.87 3.69
C ILE A 93 24.71 2.31 3.27
N SER A 94 25.74 2.56 2.45
CA SER A 94 25.98 3.87 1.87
C SER A 94 24.84 4.14 0.90
N THR A 95 24.21 5.32 1.03
CA THR A 95 23.19 5.81 0.15
C THR A 95 23.64 7.03 -0.71
N GLU A 96 24.94 7.21 -0.82
CA GLU A 96 25.54 8.23 -1.68
C GLU A 96 24.91 8.22 -3.09
N PHE A 97 24.70 7.00 -3.66
CA PHE A 97 24.05 6.91 -4.97
C PHE A 97 22.64 6.29 -4.91
N THR A 98 21.92 6.53 -3.80
CA THR A 98 20.49 6.26 -3.78
C THR A 98 19.82 7.53 -4.22
N TYR A 99 19.27 7.59 -5.41
CA TYR A 99 18.77 8.88 -5.94
C TYR A 99 17.34 8.98 -5.64
N GLN A 100 16.83 10.19 -5.53
CA GLN A 100 15.36 10.42 -5.36
C GLN A 100 14.86 11.29 -6.50
N THR A 101 13.73 10.97 -7.02
CA THR A 101 13.20 11.72 -8.15
C THR A 101 11.76 12.17 -7.88
N LYS A 102 11.43 13.39 -8.34
CA LYS A 102 10.04 13.89 -8.37
C LYS A 102 9.21 13.18 -9.39
N ASP A 103 9.78 12.44 -10.34
CA ASP A 103 9.04 12.00 -11.62
C ASP A 103 8.34 10.72 -11.57
N ALA A 104 8.57 9.98 -10.49
CA ALA A 104 7.82 8.75 -10.28
C ALA A 104 7.79 8.44 -8.79
N ALA A 105 6.86 7.62 -8.39
CA ALA A 105 6.77 7.12 -7.01
C ALA A 105 7.78 6.05 -6.76
N THR A 106 8.14 5.86 -5.51
CA THR A 106 8.91 4.71 -5.14
C THR A 106 8.28 3.44 -5.65
N GLY A 107 9.10 2.50 -6.16
CA GLY A 107 8.57 1.18 -6.61
C GLY A 107 7.68 0.54 -5.48
N THR A 108 6.67 -0.24 -5.84
CA THR A 108 5.78 -0.89 -4.87
C THR A 108 5.54 -2.34 -5.19
N ALA A 109 5.30 -3.14 -4.17
CA ALA A 109 4.81 -4.49 -4.40
C ALA A 109 3.60 -4.68 -3.52
N SER A 110 2.44 -4.81 -4.10
N SER A 110 2.44 -4.81 -4.10
CA SER A 110 1.20 -4.87 -3.37
CA SER A 110 1.19 -4.91 -3.37
C SER A 110 0.80 -6.37 -3.33
C SER A 110 0.82 -6.39 -3.32
N ILE A 111 0.76 -6.95 -2.11
CA ILE A 111 0.76 -8.35 -1.86
C ILE A 111 -0.49 -8.67 -1.02
N ILE A 112 -1.28 -9.66 -1.45
CA ILE A 112 -2.36 -10.18 -0.63
C ILE A 112 -2.08 -11.61 -0.35
N VAL A 113 -2.17 -12.02 0.94
CA VAL A 113 -1.88 -13.34 1.38
C VAL A 113 -3.03 -13.90 2.14
N ASN A 114 -3.43 -15.10 1.85
CA ASN A 114 -4.47 -15.74 2.60
C ASN A 114 -3.92 -16.59 3.73
N ASN A 115 -4.81 -17.27 4.42
CA ASN A 115 -4.42 -18.02 5.62
C ASN A 115 -3.41 -19.19 5.35
N GLU A 116 -3.35 -19.65 4.11
CA GLU A 116 -2.55 -20.72 3.71
C GLU A 116 -1.27 -20.23 3.14
N GLY A 117 -0.97 -18.94 3.16
CA GLY A 117 0.23 -18.44 2.61
C GLY A 117 0.18 -18.40 1.08
N GLN A 118 -0.95 -18.70 0.45
CA GLN A 118 -1.01 -18.39 -1.02
C GLN A 118 -1.16 -16.87 -1.20
N ASN A 119 -0.62 -16.31 -2.31
CA ASN A 119 -0.63 -14.90 -2.57
C ASN A 119 -0.88 -14.43 -4.01
N ILE A 120 -1.17 -13.17 -4.12
CA ILE A 120 -1.17 -12.49 -5.38
C ILE A 120 -0.38 -11.26 -5.16
N ILE A 121 0.42 -10.86 -6.18
CA ILE A 121 1.38 -9.80 -6.05
C ILE A 121 1.30 -8.91 -7.29
N VAL A 122 1.23 -7.62 -7.06
CA VAL A 122 1.23 -6.68 -8.13
C VAL A 122 2.40 -5.73 -7.90
N ILE A 123 3.37 -5.78 -8.81
CA ILE A 123 4.54 -4.98 -8.73
C ILE A 123 4.41 -3.79 -9.63
N VAL A 124 4.75 -2.63 -9.12
CA VAL A 124 4.87 -1.43 -9.95
C VAL A 124 6.30 -0.90 -9.79
N ALA A 125 7.09 -1.00 -10.83
CA ALA A 125 8.52 -0.66 -10.74
C ALA A 125 8.79 0.81 -10.36
N GLY A 126 7.99 1.73 -10.87
CA GLY A 126 8.09 3.13 -10.57
C GLY A 126 9.52 3.71 -10.76
N ALA A 127 10.01 4.37 -9.75
CA ALA A 127 11.28 5.10 -9.82
C ALA A 127 12.44 4.20 -10.21
N ASN A 128 12.32 2.91 -9.95
CA ASN A 128 13.44 2.00 -10.24
C ASN A 128 13.74 2.07 -11.77
N LEU A 129 12.72 2.31 -12.57
CA LEU A 129 12.93 2.45 -14.07
C LEU A 129 13.61 3.67 -14.54
N LEU A 130 13.71 4.69 -13.67
CA LEU A 130 14.34 5.92 -14.01
C LEU A 130 15.84 5.99 -13.63
N LEU A 131 16.35 4.98 -12.97
CA LEU A 131 17.77 4.89 -12.75
C LEU A 131 18.47 4.79 -14.14
N ASN A 132 19.32 5.75 -14.44
CA ASN A 132 19.76 5.90 -15.81
C ASN A 132 21.30 5.98 -15.89
N THR A 133 21.76 6.21 -17.09
CA THR A 133 23.23 6.13 -17.37
C THR A 133 24.02 7.24 -16.66
N GLU A 134 23.48 8.44 -16.57
CA GLU A 134 24.10 9.54 -15.82
C GLU A 134 24.25 9.19 -14.29
N ASP A 135 23.26 8.52 -13.76
CA ASP A 135 23.23 8.12 -12.38
C ASP A 135 24.33 7.11 -12.11
N LEU A 136 24.51 6.16 -13.03
CA LEU A 136 25.61 5.21 -12.91
C LEU A 136 26.98 5.81 -13.09
N ARG A 137 27.11 6.72 -14.05
CA ARG A 137 28.37 7.30 -14.24
C ARG A 137 28.93 8.03 -13.04
N ALA A 138 28.05 8.68 -12.31
CA ALA A 138 28.49 9.35 -11.10
C ALA A 138 29.11 8.35 -10.09
N ALA A 139 28.69 7.09 -10.15
CA ALA A 139 29.20 6.03 -9.29
C ALA A 139 30.45 5.36 -9.72
N ALA A 140 31.11 5.89 -10.76
CA ALA A 140 32.26 5.21 -11.32
C ALA A 140 33.38 5.01 -10.32
N ASN A 141 33.71 6.01 -9.51
CA ASN A 141 34.82 5.85 -8.54
C ASN A 141 34.51 4.73 -7.47
N VAL A 142 33.27 4.62 -7.04
CA VAL A 142 32.87 3.57 -6.10
C VAL A 142 32.94 2.22 -6.75
N ILE A 143 32.38 2.12 -7.94
CA ILE A 143 32.47 0.85 -8.68
C ILE A 143 33.89 0.45 -8.89
N SER A 144 34.77 1.37 -9.26
CA SER A 144 36.10 1.02 -9.49
C SER A 144 36.87 0.47 -8.32
N ARG A 145 36.41 0.77 -7.11
CA ARG A 145 37.13 0.30 -5.88
C ARG A 145 36.45 -0.97 -5.28
N ALA A 146 35.30 -1.35 -5.80
CA ALA A 146 34.54 -2.43 -5.24
C ALA A 146 35.17 -3.75 -5.61
N LYS A 147 34.84 -4.78 -4.89
CA LYS A 147 35.24 -6.08 -5.29
C LYS A 147 34.15 -6.82 -6.01
N VAL A 148 32.87 -6.57 -5.70
CA VAL A 148 31.80 -7.28 -6.30
C VAL A 148 30.72 -6.28 -6.67
N MET A 149 30.16 -6.45 -7.87
CA MET A 149 28.94 -5.73 -8.34
C MET A 149 27.81 -6.73 -8.43
N VAL A 150 26.68 -6.37 -7.90
CA VAL A 150 25.51 -7.23 -7.90
C VAL A 150 24.35 -6.51 -8.61
N CYS A 151 23.82 -7.15 -9.62
CA CYS A 151 22.71 -6.70 -10.42
C CYS A 151 21.58 -7.75 -10.46
N GLN A 152 20.37 -7.25 -10.71
CA GLN A 152 19.25 -8.14 -10.99
C GLN A 152 18.46 -7.62 -12.22
N LEU A 153 17.20 -8.02 -12.38
CA LEU A 153 16.36 -7.47 -13.46
C LEU A 153 15.17 -6.64 -13.05
N GLU A 154 15.25 -5.88 -11.98
CA GLU A 154 14.12 -5.06 -11.55
C GLU A 154 14.33 -3.57 -11.85
N ILE A 155 15.34 -3.25 -12.64
CA ILE A 155 15.50 -1.89 -13.12
C ILE A 155 15.48 -2.07 -14.67
N THR A 156 15.74 -1.05 -15.48
CA THR A 156 15.84 -1.26 -16.92
C THR A 156 16.97 -2.27 -17.31
N PRO A 157 16.71 -3.23 -18.23
CA PRO A 157 17.69 -4.18 -18.63
C PRO A 157 18.94 -3.42 -19.10
N ALA A 158 18.77 -2.36 -19.86
CA ALA A 158 19.89 -1.61 -20.32
C ALA A 158 20.74 -1.01 -19.20
N THR A 159 20.10 -0.63 -18.08
CA THR A 159 20.83 -0.07 -16.96
C THR A 159 21.63 -1.13 -16.26
N SER A 160 21.08 -2.29 -16.05
CA SER A 160 21.79 -3.38 -15.48
C SER A 160 22.99 -3.83 -16.38
N LEU A 161 22.78 -3.80 -17.69
CA LEU A 161 23.82 -4.18 -18.64
C LEU A 161 25.01 -3.21 -18.56
N GLU A 162 24.74 -1.93 -18.43
CA GLU A 162 25.73 -0.94 -18.27
C GLU A 162 26.48 -1.07 -16.92
N ALA A 163 25.79 -1.41 -15.84
CA ALA A 163 26.43 -1.67 -14.58
C ALA A 163 27.41 -2.84 -14.63
N LEU A 164 26.97 -3.90 -15.32
CA LEU A 164 27.83 -5.02 -15.55
C LEU A 164 29.07 -4.63 -16.41
N THR A 165 28.86 -3.83 -17.50
CA THR A 165 30.03 -3.43 -18.28
C THR A 165 30.96 -2.55 -17.43
N MET A 166 30.42 -1.62 -16.66
CA MET A 166 31.28 -0.74 -15.86
C MET A 166 32.11 -1.54 -14.81
N ALA A 167 31.52 -2.61 -14.29
CA ALA A 167 32.23 -3.55 -13.44
C ALA A 167 33.34 -4.30 -14.11
N ARG A 168 33.03 -4.93 -15.26
CA ARG A 168 34.08 -5.56 -16.06
C ARG A 168 35.21 -4.68 -16.42
N ARG A 169 34.92 -3.51 -16.92
CA ARG A 169 36.00 -2.70 -17.32
C ARG A 169 36.89 -2.23 -16.17
N SER A 170 36.45 -2.25 -14.91
CA SER A 170 37.24 -1.94 -13.77
C SER A 170 37.82 -3.20 -13.11
N GLY A 171 37.58 -4.40 -13.67
CA GLY A 171 38.09 -5.63 -13.10
C GLY A 171 37.32 -6.11 -11.91
N VAL A 172 36.10 -5.62 -11.71
CA VAL A 172 35.26 -5.92 -10.51
C VAL A 172 34.44 -7.11 -10.86
N LYS A 173 34.45 -8.05 -9.97
CA LYS A 173 33.71 -9.26 -10.22
C LYS A 173 32.18 -8.98 -10.33
N THR A 174 31.53 -9.64 -11.27
CA THR A 174 30.12 -9.44 -11.47
C THR A 174 29.30 -10.64 -10.98
N LEU A 175 28.32 -10.36 -10.13
CA LEU A 175 27.31 -11.36 -9.65
C LEU A 175 25.95 -10.98 -10.18
N PHE A 176 25.44 -11.76 -11.14
CA PHE A 176 24.21 -11.38 -11.79
C PHE A 176 23.12 -12.35 -11.43
N ASN A 177 22.00 -11.77 -11.10
CA ASN A 177 20.79 -12.52 -10.71
C ASN A 177 19.63 -12.15 -11.65
N PRO A 178 19.38 -12.97 -12.67
CA PRO A 178 18.32 -12.64 -13.69
C PRO A 178 16.92 -12.93 -13.23
N ALA A 179 16.49 -12.04 -12.35
CA ALA A 179 15.22 -12.17 -11.65
C ALA A 179 14.56 -10.85 -11.59
N PRO A 180 13.28 -10.81 -11.95
CA PRO A 180 12.53 -11.91 -12.64
C PRO A 180 13.08 -12.27 -13.96
N ALA A 181 12.95 -13.52 -14.36
CA ALA A 181 13.59 -13.94 -15.62
C ALA A 181 12.70 -13.59 -16.80
N ILE A 182 13.34 -13.59 -17.95
CA ILE A 182 12.64 -13.28 -19.22
C ILE A 182 13.25 -14.10 -20.30
N ALA A 183 12.36 -14.56 -21.20
CA ALA A 183 12.76 -15.40 -22.28
C ALA A 183 13.51 -14.43 -23.28
N ASP A 184 14.59 -14.96 -23.80
CA ASP A 184 15.44 -14.31 -24.81
C ASP A 184 16.20 -13.11 -24.24
N LEU A 185 16.66 -13.26 -23.02
CA LEU A 185 17.53 -12.32 -22.39
C LEU A 185 18.71 -12.01 -23.29
N ASP A 186 19.18 -10.74 -23.30
CA ASP A 186 20.36 -10.35 -24.17
C ASP A 186 21.57 -11.30 -23.91
N PRO A 187 22.19 -11.85 -24.95
CA PRO A 187 23.37 -12.72 -24.78
C PRO A 187 24.52 -12.12 -23.96
N GLN A 188 24.66 -10.79 -23.95
CA GLN A 188 25.65 -10.15 -23.16
C GLN A 188 25.44 -10.37 -21.65
N PHE A 189 24.21 -10.61 -21.16
CA PHE A 189 24.09 -10.81 -19.76
C PHE A 189 24.90 -12.03 -19.33
N TYR A 190 25.04 -13.04 -20.17
CA TYR A 190 25.76 -14.23 -19.81
C TYR A 190 27.24 -14.01 -19.88
N THR A 191 27.71 -13.41 -20.98
CA THR A 191 29.14 -13.18 -21.18
C THR A 191 29.64 -12.14 -20.14
N LEU A 192 28.80 -11.30 -19.59
CA LEU A 192 29.31 -10.32 -18.59
C LEU A 192 29.23 -10.82 -17.13
N SER A 193 28.82 -12.05 -16.91
CA SER A 193 28.54 -12.59 -15.59
C SER A 193 29.67 -13.51 -15.21
N ASP A 194 30.42 -13.09 -14.20
CA ASP A 194 31.40 -13.98 -13.56
C ASP A 194 30.69 -15.09 -12.72
N VAL A 195 29.63 -14.69 -12.05
CA VAL A 195 28.78 -15.60 -11.32
C VAL A 195 27.36 -15.23 -11.64
N PHE A 196 26.63 -16.25 -12.15
CA PHE A 196 25.25 -16.10 -12.64
C PHE A 196 24.36 -17.04 -11.81
N CYS A 197 23.43 -16.43 -11.08
CA CYS A 197 22.70 -17.15 -9.99
C CYS A 197 21.21 -16.97 -10.16
N CYS A 198 20.47 -18.05 -10.20
CA CYS A 198 19.01 -17.96 -10.41
C CYS A 198 18.36 -19.15 -9.80
N ASN A 199 17.03 -19.14 -9.74
CA ASN A 199 16.28 -20.27 -9.22
C ASN A 199 15.71 -21.21 -10.32
N GLU A 200 15.00 -22.27 -9.89
CA GLU A 200 14.56 -23.28 -10.81
C GLU A 200 13.59 -22.74 -11.86
N SER A 201 12.55 -22.04 -11.41
CA SER A 201 11.64 -21.47 -12.40
C SER A 201 12.29 -20.41 -13.31
N GLU A 202 13.29 -19.66 -12.84
CA GLU A 202 14.02 -18.73 -13.73
C GLU A 202 14.80 -19.50 -14.77
N ALA A 203 15.47 -20.58 -14.37
CA ALA A 203 16.21 -21.38 -15.29
C ALA A 203 15.31 -21.96 -16.43
N GLU A 204 14.07 -22.34 -16.09
CA GLU A 204 13.15 -22.87 -17.08
C GLU A 204 12.81 -21.83 -18.10
N ILE A 205 12.54 -20.61 -17.63
CA ILE A 205 12.19 -19.51 -18.51
C ILE A 205 13.37 -19.21 -19.43
N LEU A 206 14.58 -19.26 -18.89
CA LEU A 206 15.75 -18.86 -19.60
C LEU A 206 16.24 -19.82 -20.65
N THR A 207 16.06 -21.11 -20.39
CA THR A 207 16.55 -22.16 -21.25
C THR A 207 15.43 -22.85 -22.03
N GLY A 208 14.17 -22.56 -21.71
CA GLY A 208 13.03 -23.35 -22.26
C GLY A 208 12.83 -24.79 -21.73
N LEU A 209 13.67 -25.23 -20.81
CA LEU A 209 13.61 -26.58 -20.33
C LEU A 209 12.75 -26.63 -19.08
N THR A 210 12.58 -27.88 -18.65
CA THR A 210 11.88 -28.27 -17.40
C THR A 210 12.90 -28.62 -16.34
N VAL A 211 12.69 -28.05 -15.15
CA VAL A 211 13.56 -28.32 -14.02
C VAL A 211 12.72 -28.80 -12.84
N GLY A 212 12.44 -30.10 -12.83
CA GLY A 212 11.81 -30.74 -11.69
C GLY A 212 12.75 -31.67 -10.93
N SER A 213 14.05 -31.43 -10.94
CA SER A 213 15.02 -32.28 -10.21
C SER A 213 16.38 -31.56 -10.11
N ALA A 214 17.30 -32.05 -9.28
CA ALA A 214 18.65 -31.47 -9.20
C ALA A 214 19.47 -31.86 -10.44
N ALA A 215 19.17 -33.03 -10.97
CA ALA A 215 19.71 -33.49 -12.23
C ALA A 215 19.25 -32.62 -13.40
N ASP A 216 17.93 -32.37 -13.48
CA ASP A 216 17.35 -31.48 -14.51
C ASP A 216 18.00 -30.08 -14.45
N ALA A 217 18.27 -29.60 -13.23
CA ALA A 217 18.88 -28.33 -13.01
C ALA A 217 20.31 -28.27 -13.49
N GLY A 218 21.05 -29.36 -13.31
CA GLY A 218 22.42 -29.42 -13.81
C GLY A 218 22.46 -29.28 -15.32
N GLU A 219 21.49 -29.88 -15.99
CA GLU A 219 21.37 -29.79 -17.42
C GLU A 219 21.00 -28.37 -17.87
N ALA A 220 20.04 -27.73 -17.21
CA ALA A 220 19.76 -26.32 -17.47
C ALA A 220 20.99 -25.47 -17.16
N ALA A 221 21.66 -25.74 -16.06
CA ALA A 221 22.85 -24.98 -15.69
C ALA A 221 23.96 -25.02 -16.79
N LEU A 222 24.09 -26.19 -17.41
CA LEU A 222 25.07 -26.42 -18.46
C LEU A 222 24.76 -25.57 -19.69
N VAL A 223 23.49 -25.55 -20.12
CA VAL A 223 23.07 -24.63 -21.17
C VAL A 223 23.51 -23.20 -20.85
N LEU A 224 23.19 -22.76 -19.64
CA LEU A 224 23.44 -21.40 -19.26
C LEU A 224 24.95 -21.17 -19.27
N LEU A 225 25.70 -22.16 -18.80
CA LEU A 225 27.15 -22.06 -18.79
C LEU A 225 27.73 -21.94 -20.20
N LYS A 226 27.20 -22.73 -21.11
CA LYS A 226 27.60 -22.65 -22.54
C LYS A 226 27.38 -21.28 -23.15
N ARG A 227 26.43 -20.49 -22.65
CA ARG A 227 26.20 -19.15 -23.19
C ARG A 227 27.25 -18.12 -22.76
N GLY A 228 28.16 -18.51 -21.86
CA GLY A 228 29.33 -17.75 -21.54
C GLY A 228 29.47 -17.27 -20.13
N CYS A 229 28.63 -17.73 -19.17
CA CYS A 229 28.86 -17.40 -17.75
C CYS A 229 30.10 -18.11 -17.30
N GLN A 230 30.88 -17.53 -16.41
CA GLN A 230 32.04 -18.25 -15.79
C GLN A 230 31.57 -19.32 -14.80
N VAL A 231 30.63 -18.96 -13.97
CA VAL A 231 30.08 -19.84 -12.92
C VAL A 231 28.55 -19.75 -13.02
N VAL A 232 27.85 -20.89 -12.98
CA VAL A 232 26.38 -20.88 -12.91
C VAL A 232 25.88 -21.62 -11.63
N ILE A 233 24.94 -20.99 -10.93
CA ILE A 233 24.39 -21.54 -9.68
C ILE A 233 22.92 -21.47 -9.83
N ILE A 234 22.27 -22.60 -9.60
CA ILE A 234 20.83 -22.60 -9.56
C ILE A 234 20.38 -22.99 -8.19
N THR A 235 19.54 -22.16 -7.58
CA THR A 235 19.05 -22.43 -6.24
C THR A 235 17.88 -23.31 -6.33
N LEU A 236 17.76 -24.19 -5.33
CA LEU A 236 16.79 -25.26 -5.35
C LEU A 236 15.90 -25.39 -4.11
N GLY A 237 15.44 -24.25 -3.57
CA GLY A 237 14.64 -24.20 -2.32
C GLY A 237 15.29 -25.02 -1.24
N ALA A 238 14.48 -25.90 -0.64
CA ALA A 238 14.96 -26.89 0.36
C ALA A 238 16.12 -27.80 -0.15
N GLU A 239 16.29 -27.94 -1.48
CA GLU A 239 17.36 -28.84 -1.99
C GLU A 239 18.73 -28.20 -1.93
N GLY A 240 18.80 -26.93 -1.54
CA GLY A 240 20.08 -26.22 -1.52
C GLY A 240 20.33 -25.53 -2.86
N CYS A 241 21.39 -25.93 -3.54
CA CYS A 241 21.75 -25.34 -4.85
C CYS A 241 22.66 -26.29 -5.64
N VAL A 242 22.81 -26.00 -6.94
CA VAL A 242 23.69 -26.75 -7.82
C VAL A 242 24.60 -25.77 -8.46
N VAL A 243 25.86 -26.16 -8.59
CA VAL A 243 26.89 -25.33 -9.17
C VAL A 243 27.68 -26.05 -10.33
N LEU A 244 28.05 -25.22 -11.32
CA LEU A 244 28.97 -25.54 -12.39
C LEU A 244 29.92 -24.34 -12.61
N SER A 245 31.10 -24.63 -13.16
CA SER A 245 31.99 -23.58 -13.60
C SER A 245 32.70 -23.99 -14.91
N GLN A 246 33.29 -22.99 -15.60
CA GLN A 246 34.05 -23.26 -16.80
C GLN A 246 35.16 -24.20 -16.46
N THR A 247 35.85 -23.97 -15.36
CA THR A 247 36.99 -24.86 -15.04
C THR A 247 36.47 -26.22 -14.58
N GLU A 248 35.33 -26.25 -13.91
CA GLU A 248 34.74 -27.50 -13.42
C GLU A 248 33.30 -27.67 -13.84
N PRO A 249 33.08 -28.11 -15.08
CA PRO A 249 31.72 -28.09 -15.66
C PRO A 249 30.75 -29.18 -15.21
N GLU A 250 31.23 -30.12 -14.41
CA GLU A 250 30.37 -31.17 -13.88
C GLU A 250 29.45 -30.57 -12.79
N PRO A 251 28.11 -30.73 -12.92
CA PRO A 251 27.24 -30.15 -11.88
C PRO A 251 27.55 -30.74 -10.54
N LYS A 252 27.73 -29.90 -9.52
CA LYS A 252 27.87 -30.38 -8.14
C LYS A 252 26.64 -29.93 -7.33
N HIS A 253 25.92 -30.90 -6.76
CA HIS A 253 24.80 -30.63 -5.86
C HIS A 253 25.32 -30.34 -4.45
N ILE A 254 24.88 -29.23 -3.87
CA ILE A 254 25.17 -28.85 -2.48
C ILE A 254 23.83 -28.87 -1.71
N PRO A 255 23.57 -29.94 -0.94
CA PRO A 255 22.32 -29.97 -0.13
C PRO A 255 22.34 -29.03 1.06
N THR A 256 21.20 -28.94 1.74
CA THR A 256 21.08 -28.07 2.90
C THR A 256 20.12 -28.72 3.90
N GLU A 257 20.34 -28.44 5.20
CA GLU A 257 19.67 -29.20 6.30
C GLU A 257 18.11 -29.00 6.29
N LYS A 258 17.30 -30.07 6.44
CA LYS A 258 15.85 -29.89 6.68
C LYS A 258 15.81 -28.93 7.87
N VAL A 259 15.10 -27.80 7.72
CA VAL A 259 14.72 -26.94 8.83
C VAL A 259 13.21 -26.77 8.67
N LYS A 260 12.58 -26.25 9.73
CA LYS A 260 11.17 -25.94 9.71
C LYS A 260 11.07 -24.53 9.16
N ALA A 261 10.69 -24.43 7.89
CA ALA A 261 10.50 -23.15 7.25
C ALA A 261 9.27 -22.46 7.77
N VAL A 262 9.42 -21.20 8.09
CA VAL A 262 8.34 -20.35 8.57
C VAL A 262 7.89 -19.41 7.44
N ASP A 263 8.81 -18.79 6.74
CA ASP A 263 8.42 -17.94 5.65
C ASP A 263 9.66 -17.78 4.76
N THR A 264 9.61 -18.38 3.60
CA THR A 264 10.77 -18.41 2.69
C THR A 264 10.90 -17.16 1.84
N THR A 265 10.09 -16.12 2.07
CA THR A 265 10.05 -14.98 1.15
C THR A 265 11.42 -14.26 1.22
N GLY A 266 12.01 -13.96 0.04
CA GLY A 266 13.28 -13.28 -0.04
C GLY A 266 14.48 -14.15 0.32
N ALA A 267 14.25 -15.49 0.43
CA ALA A 267 15.34 -16.38 0.79
C ALA A 267 16.43 -16.29 -0.28
N GLY A 268 16.05 -16.16 -1.54
CA GLY A 268 17.01 -16.10 -2.66
C GLY A 268 17.88 -14.90 -2.56
N ASP A 269 17.29 -13.81 -2.13
CA ASP A 269 18.00 -12.58 -1.94
C ASP A 269 18.96 -12.67 -0.78
N SER A 270 18.57 -13.38 0.26
CA SER A 270 19.50 -13.66 1.37
C SER A 270 20.67 -14.45 0.88
N PHE A 271 20.41 -15.46 0.09
CA PHE A 271 21.44 -16.35 -0.48
C PHE A 271 22.43 -15.48 -1.36
N VAL A 272 21.87 -14.65 -2.26
CA VAL A 272 22.71 -13.86 -3.16
C VAL A 272 23.55 -12.82 -2.42
N GLY A 273 22.99 -12.18 -1.39
CA GLY A 273 23.68 -11.18 -0.61
C GLY A 273 24.77 -11.74 0.24
N ALA A 274 24.57 -12.96 0.74
CA ALA A 274 25.60 -13.69 1.38
C ALA A 274 26.71 -14.07 0.42
N LEU A 275 26.34 -14.60 -0.76
CA LEU A 275 27.35 -14.96 -1.72
C LEU A 275 28.20 -13.75 -2.07
N ALA A 276 27.55 -12.62 -2.21
CA ALA A 276 28.23 -11.36 -2.53
C ALA A 276 29.24 -11.01 -1.45
N PHE A 277 28.79 -11.21 -0.25
CA PHE A 277 29.67 -11.03 0.95
C PHE A 277 30.94 -11.89 0.93
N TYR A 278 30.73 -13.18 0.69
CA TYR A 278 31.88 -14.05 0.57
C TYR A 278 32.83 -13.78 -0.58
N LEU A 279 32.28 -13.43 -1.72
CA LEU A 279 33.10 -13.18 -2.86
C LEU A 279 33.96 -11.99 -2.56
N ALA A 280 33.45 -11.04 -1.84
CA ALA A 280 34.16 -9.80 -1.58
C ALA A 280 35.18 -9.86 -0.44
N TYR A 281 34.89 -10.64 0.56
CA TYR A 281 35.63 -10.66 1.82
C TYR A 281 36.35 -11.93 2.06
N TYR A 282 35.91 -13.02 1.46
CA TYR A 282 36.57 -14.31 1.58
C TYR A 282 36.90 -14.89 0.21
N PRO A 283 37.58 -14.08 -0.66
CA PRO A 283 37.87 -14.56 -2.02
C PRO A 283 38.62 -15.88 -2.14
N ASN A 284 39.39 -16.27 -1.13
CA ASN A 284 40.10 -17.56 -1.13
C ASN A 284 39.33 -18.76 -0.63
N LEU A 285 38.07 -18.63 -0.22
CA LEU A 285 37.27 -19.84 0.05
C LEU A 285 36.99 -20.50 -1.28
N SER A 286 36.82 -21.82 -1.24
CA SER A 286 36.38 -22.52 -2.38
C SER A 286 34.90 -22.12 -2.60
N LEU A 287 34.45 -22.42 -3.79
CA LEU A 287 33.12 -22.04 -4.19
C LEU A 287 32.09 -22.93 -3.49
N GLU A 288 32.44 -24.19 -3.36
CA GLU A 288 31.65 -25.16 -2.60
C GLU A 288 31.42 -24.67 -1.18
N ASP A 289 32.49 -24.16 -0.58
CA ASP A 289 32.46 -23.63 0.76
C ASP A 289 31.55 -22.43 0.86
N MET A 290 31.75 -21.48 -0.05
CA MET A 290 30.94 -20.29 -0.08
C MET A 290 29.47 -20.63 -0.20
N LEU A 291 29.16 -21.64 -0.97
CA LEU A 291 27.78 -21.97 -1.18
C LEU A 291 27.14 -22.70 0.02
N ASN A 292 27.91 -23.47 0.79
CA ASN A 292 27.42 -23.99 2.12
C ASN A 292 27.06 -22.91 3.10
N ARG A 293 27.97 -21.93 3.21
CA ARG A 293 27.75 -20.85 4.14
C ARG A 293 26.54 -20.05 3.68
N SER A 294 26.47 -19.81 2.36
CA SER A 294 25.37 -19.05 1.86
C SER A 294 24.01 -19.75 2.09
N ASN A 295 23.96 -21.06 1.80
CA ASN A 295 22.80 -21.89 1.98
C ASN A 295 22.32 -21.76 3.44
N PHE A 296 23.31 -21.79 4.33
CA PHE A 296 23.02 -21.80 5.76
C PHE A 296 22.35 -20.49 6.15
N ILE A 297 22.97 -19.42 5.67
CA ILE A 297 22.46 -18.08 6.00
C ILE A 297 21.03 -17.91 5.45
N ALA A 298 20.83 -18.33 4.19
CA ALA A 298 19.46 -18.27 3.59
C ALA A 298 18.46 -19.15 4.36
N ALA A 299 18.92 -20.31 4.81
CA ALA A 299 18.10 -21.21 5.62
C ALA A 299 17.69 -20.56 6.93
N VAL A 300 18.57 -19.75 7.54
CA VAL A 300 18.19 -19.01 8.76
C VAL A 300 17.08 -18.02 8.42
N SER A 301 17.23 -17.31 7.31
CA SER A 301 16.16 -16.37 6.95
C SER A 301 14.79 -17.05 6.81
N VAL A 302 14.79 -18.28 6.33
CA VAL A 302 13.52 -18.97 6.14
C VAL A 302 12.79 -19.34 7.44
N GLN A 303 13.45 -19.22 8.60
CA GLN A 303 12.84 -19.59 9.86
C GLN A 303 12.15 -18.47 10.62
N ALA A 304 12.11 -17.29 10.01
CA ALA A 304 11.40 -16.12 10.55
C ALA A 304 10.67 -15.36 9.37
N ALA A 305 9.74 -14.50 9.74
CA ALA A 305 8.85 -13.83 8.85
C ALA A 305 9.52 -12.54 8.46
N GLY A 306 9.18 -12.05 7.27
CA GLY A 306 9.25 -10.61 7.02
C GLY A 306 10.41 -10.13 6.19
N THR A 307 10.92 -11.02 5.35
CA THR A 307 11.90 -10.68 4.37
C THR A 307 13.14 -10.03 5.01
N GLN A 308 13.40 -8.76 4.79
CA GLN A 308 14.63 -8.18 5.37
C GLN A 308 14.71 -8.40 6.87
N SER A 309 13.56 -8.33 7.58
CA SER A 309 13.58 -8.55 9.07
C SER A 309 14.06 -9.90 9.41
N SER A 310 13.95 -10.89 8.52
CA SER A 310 14.43 -12.22 8.83
C SER A 310 15.90 -12.48 8.52
N TYR A 311 16.62 -11.49 7.91
CA TYR A 311 18.01 -11.67 7.48
C TYR A 311 18.91 -11.56 8.68
N PRO A 312 19.75 -12.54 8.90
CA PRO A 312 20.51 -12.53 10.21
C PRO A 312 21.68 -11.60 10.18
N TYR A 313 22.03 -11.13 11.33
CA TYR A 313 23.24 -10.41 11.59
C TYR A 313 24.35 -11.36 11.98
N LYS A 314 25.59 -10.92 11.69
CA LYS A 314 26.79 -11.69 11.91
C LYS A 314 26.82 -12.15 13.39
N LYS A 315 26.53 -11.21 14.32
CA LYS A 315 26.54 -11.53 15.73
C LYS A 315 25.56 -12.61 16.17
N ASP A 316 24.63 -13.02 15.35
CA ASP A 316 23.65 -14.00 15.76
C ASP A 316 23.86 -15.32 15.03
N LEU A 317 25.00 -15.48 14.38
CA LEU A 317 25.28 -16.63 13.57
C LEU A 317 26.52 -17.32 14.08
N PRO A 318 26.67 -18.63 13.78
CA PRO A 318 27.83 -19.33 14.29
C PRO A 318 29.10 -18.72 13.74
N LEU A 319 30.09 -18.62 14.59
CA LEU A 319 31.34 -17.99 14.26
C LEU A 319 32.10 -18.71 13.11
N THR A 320 31.85 -20.01 12.99
CA THR A 320 32.36 -20.86 11.86
C THR A 320 32.08 -20.32 10.42
N LEU A 321 31.02 -19.57 10.23
CA LEU A 321 30.74 -18.91 8.96
C LEU A 321 31.66 -17.75 8.56
N PHE A 322 32.52 -17.35 9.49
CA PHE A 322 33.38 -16.20 9.31
C PHE A 322 34.86 -16.54 9.43
N LEU A 323 35.22 -17.80 9.32
CA LEU A 323 36.62 -18.23 9.39
C LEU A 323 37.23 -18.40 7.96
N GLU A 324 38.56 -18.32 7.85
CA GLU A 324 39.25 -18.26 6.54
C GLU A 324 39.71 -19.61 5.98
N HIS A 325 40.24 -19.63 4.73
CA HIS A 325 41.11 -20.73 4.23
C HIS A 325 42.39 -20.59 5.03
N GLU B 14 -9.83 28.69 17.02
CA GLU B 14 -11.35 28.94 16.99
C GLU B 14 -12.05 27.63 17.37
N VAL B 15 -13.22 27.70 18.01
CA VAL B 15 -14.00 26.52 18.36
C VAL B 15 -14.46 25.83 17.02
N ALA B 16 -14.39 24.52 16.92
CA ALA B 16 -14.87 23.85 15.69
C ALA B 16 -16.40 23.70 15.73
N ALA B 17 -17.07 24.13 14.65
CA ALA B 17 -18.53 23.94 14.53
C ALA B 17 -18.94 22.57 14.08
N VAL B 18 -18.08 21.89 13.33
CA VAL B 18 -18.34 20.58 12.84
C VAL B 18 -17.28 19.66 13.35
N VAL B 19 -17.72 18.60 14.05
N VAL B 19 -17.73 18.58 13.99
CA VAL B 19 -16.83 17.57 14.53
CA VAL B 19 -16.85 17.57 14.48
C VAL B 19 -17.21 16.31 13.83
C VAL B 19 -17.22 16.29 13.82
N VAL B 20 -16.22 15.61 13.30
CA VAL B 20 -16.40 14.34 12.59
C VAL B 20 -15.70 13.28 13.39
N VAL B 21 -16.44 12.26 13.83
CA VAL B 21 -15.88 11.15 14.53
C VAL B 21 -16.01 9.99 13.55
N GLY B 22 -14.88 9.46 13.11
CA GLY B 22 -14.87 8.44 12.04
C GLY B 22 -13.52 8.13 11.46
N SER B 23 -13.51 7.72 10.17
CA SER B 23 -12.40 6.93 9.67
C SER B 23 -11.45 7.74 8.75
N CYS B 24 -10.15 7.42 8.82
CA CYS B 24 -9.18 7.74 7.77
C CYS B 24 -8.61 6.48 7.19
N MET B 25 -8.51 6.45 5.87
CA MET B 25 -7.98 5.31 5.17
C MET B 25 -7.12 5.74 3.96
N THR B 26 -5.99 5.08 3.81
CA THR B 26 -5.09 5.31 2.73
C THR B 26 -5.42 4.35 1.53
N ASP B 27 -5.74 4.95 0.36
CA ASP B 27 -5.99 4.14 -0.88
C ASP B 27 -4.68 3.89 -1.56
N LEU B 28 -4.37 2.64 -1.76
CA LEU B 28 -3.18 2.19 -2.41
C LEU B 28 -3.62 1.50 -3.73
N VAL B 29 -3.48 2.19 -4.85
CA VAL B 29 -4.10 1.78 -6.12
C VAL B 29 -3.02 1.37 -7.14
N SER B 30 -3.10 0.12 -7.67
CA SER B 30 -2.21 -0.37 -8.70
C SER B 30 -3.03 -0.61 -9.97
N LEU B 31 -2.61 -0.08 -11.11
CA LEU B 31 -3.22 -0.39 -12.39
C LEU B 31 -2.43 -1.46 -13.09
N THR B 32 -3.10 -2.49 -13.58
CA THR B 32 -2.51 -3.64 -14.33
C THR B 32 -3.27 -3.96 -15.59
N SER B 33 -2.65 -4.66 -16.51
CA SER B 33 -3.35 -5.07 -17.67
C SER B 33 -4.41 -6.13 -17.35
N ARG B 34 -4.07 -7.11 -16.52
CA ARG B 34 -5.00 -8.13 -16.02
C ARG B 34 -4.86 -8.32 -14.51
N LEU B 35 -5.89 -8.84 -13.87
CA LEU B 35 -5.83 -9.14 -12.45
C LEU B 35 -5.00 -10.37 -12.26
N PRO B 36 -4.20 -10.41 -11.21
CA PRO B 36 -3.48 -11.64 -10.94
C PRO B 36 -4.30 -12.92 -10.53
N LYS B 37 -3.87 -14.06 -10.95
CA LYS B 37 -4.32 -15.37 -10.51
C LYS B 37 -3.62 -15.78 -9.25
N THR B 38 -4.16 -16.74 -8.51
CA THR B 38 -3.52 -17.19 -7.30
C THR B 38 -2.13 -17.64 -7.58
N GLY B 39 -1.21 -17.19 -6.81
CA GLY B 39 0.20 -17.50 -6.98
C GLY B 39 0.93 -16.64 -8.00
N GLU B 40 0.25 -15.69 -8.60
CA GLU B 40 0.90 -14.97 -9.70
C GLU B 40 1.40 -13.66 -9.24
N THR B 41 2.56 -13.29 -9.78
CA THR B 41 3.02 -11.95 -9.72
C THR B 41 2.76 -11.30 -11.01
N ILE B 42 2.17 -10.13 -11.01
CA ILE B 42 1.96 -9.41 -12.23
C ILE B 42 2.58 -8.04 -12.14
N HIS B 43 3.07 -7.50 -13.26
CA HIS B 43 3.66 -6.18 -13.29
C HIS B 43 2.69 -5.20 -13.76
N GLY B 44 2.34 -4.24 -12.89
CA GLY B 44 1.48 -3.20 -13.29
C GLY B 44 2.19 -2.02 -13.89
N HIS B 45 1.45 -1.04 -14.29
CA HIS B 45 1.98 0.08 -15.01
C HIS B 45 1.74 1.41 -14.36
N LYS B 46 1.11 1.44 -13.18
CA LYS B 46 0.92 2.65 -12.47
C LYS B 46 0.51 2.33 -10.99
N PHE B 47 1.05 3.12 -10.10
CA PHE B 47 0.63 3.08 -8.65
C PHE B 47 0.36 4.48 -8.24
N PHE B 48 -0.66 4.67 -7.43
CA PHE B 48 -0.77 5.88 -6.76
C PHE B 48 -1.48 5.77 -5.37
N ILE B 49 -1.23 6.79 -4.55
CA ILE B 49 -1.79 6.88 -3.24
C ILE B 49 -2.87 7.90 -3.22
N GLY B 50 -3.94 7.57 -2.52
CA GLY B 50 -5.06 8.49 -2.35
C GLY B 50 -5.55 8.53 -0.85
N PHE B 51 -6.05 9.68 -0.40
CA PHE B 51 -6.64 9.87 0.94
C PHE B 51 -8.10 9.63 0.90
N GLY B 52 -8.52 8.64 1.67
CA GLY B 52 -9.91 8.29 1.78
C GLY B 52 -10.37 8.12 3.23
N GLY B 53 -11.45 7.35 3.34
CA GLY B 53 -12.17 7.10 4.51
C GLY B 53 -13.32 8.05 4.58
N LYS B 54 -14.47 7.50 4.86
CA LYS B 54 -15.70 8.33 4.83
C LYS B 54 -15.66 9.52 5.80
N GLY B 55 -15.10 9.30 6.97
CA GLY B 55 -15.02 10.40 7.92
C GLY B 55 -14.23 11.55 7.41
N ALA B 56 -13.00 11.22 7.08
CA ALA B 56 -12.07 12.24 6.58
C ALA B 56 -12.62 12.93 5.33
N ASN B 57 -13.25 12.14 4.47
CA ASN B 57 -13.81 12.74 3.18
C ASN B 57 -14.87 13.75 3.50
N GLN B 58 -15.76 13.36 4.45
CA GLN B 58 -16.85 14.27 4.89
C GLN B 58 -16.29 15.52 5.50
N CYS B 59 -15.28 15.30 6.32
CA CYS B 59 -14.65 16.41 7.04
C CYS B 59 -13.98 17.39 6.01
N VAL B 60 -13.28 16.82 5.01
CA VAL B 60 -12.61 17.64 4.03
C VAL B 60 -13.60 18.49 3.27
N GLN B 61 -14.72 17.91 2.85
CA GLN B 61 -15.69 18.73 2.09
C GLN B 61 -16.21 19.86 2.88
N ALA B 62 -16.50 19.59 4.15
CA ALA B 62 -17.05 20.66 5.00
C ALA B 62 -16.06 21.74 5.23
N ALA B 63 -14.83 21.32 5.49
CA ALA B 63 -13.75 22.27 5.68
C ALA B 63 -13.55 23.16 4.48
N ARG B 64 -13.62 22.56 3.29
CA ARG B 64 -13.34 23.32 2.06
C ARG B 64 -14.39 24.35 1.77
N LEU B 65 -15.61 24.13 2.27
CA LEU B 65 -16.67 25.09 2.14
C LEU B 65 -16.57 26.17 3.19
N GLY B 66 -15.65 26.02 4.14
CA GLY B 66 -15.38 27.08 5.10
C GLY B 66 -15.65 26.69 6.54
N ALA B 67 -16.09 25.48 6.80
CA ALA B 67 -16.34 25.07 8.18
C ALA B 67 -15.01 24.93 8.94
N MET B 68 -15.02 25.38 10.19
CA MET B 68 -14.06 25.00 11.18
C MET B 68 -14.43 23.63 11.66
N THR B 69 -13.57 22.65 11.36
CA THR B 69 -13.80 21.27 11.64
C THR B 69 -12.74 20.68 12.60
N SER B 70 -13.11 19.53 13.17
CA SER B 70 -12.18 18.80 14.00
C SER B 70 -12.40 17.37 13.67
N MET B 71 -11.30 16.68 13.32
CA MET B 71 -11.37 15.27 12.97
C MET B 71 -10.96 14.38 14.13
N VAL B 72 -11.88 13.57 14.64
CA VAL B 72 -11.61 12.72 15.73
C VAL B 72 -11.51 11.33 15.21
N CYS B 73 -10.35 10.74 15.28
CA CYS B 73 -10.07 9.51 14.57
C CYS B 73 -8.75 8.92 15.04
N LYS B 74 -8.39 7.72 14.56
CA LYS B 74 -7.24 7.06 14.97
C LYS B 74 -6.57 6.41 13.76
N VAL B 75 -5.31 6.84 13.54
CA VAL B 75 -4.41 6.30 12.54
C VAL B 75 -3.25 5.68 13.25
N GLY B 76 -2.37 5.08 12.44
CA GLY B 76 -1.14 4.53 12.95
C GLY B 76 -0.07 5.54 13.26
N LYS B 77 0.83 5.12 14.17
CA LYS B 77 2.09 5.81 14.32
C LYS B 77 3.02 5.23 13.23
N ASP B 78 2.77 5.56 11.97
CA ASP B 78 3.48 4.99 10.85
C ASP B 78 3.41 6.11 9.79
N SER B 79 4.11 5.92 8.71
CA SER B 79 4.19 6.98 7.71
C SER B 79 2.88 7.32 7.18
N PHE B 80 2.04 6.33 6.93
CA PHE B 80 0.68 6.62 6.37
C PHE B 80 -0.04 7.57 7.32
N GLY B 81 0.11 7.31 8.62
CA GLY B 81 -0.63 8.09 9.62
C GLY B 81 -0.06 9.48 9.70
N ASN B 82 1.27 9.64 9.72
CA ASN B 82 1.83 10.96 9.63
C ASN B 82 1.39 11.69 8.37
N ASP B 83 1.44 11.02 7.24
CA ASP B 83 0.97 11.66 5.99
C ASP B 83 -0.55 12.04 6.03
N TYR B 84 -1.40 11.20 6.63
CA TYR B 84 -2.82 11.53 6.81
C TYR B 84 -2.94 12.80 7.63
N ILE B 85 -2.19 12.90 8.70
CA ILE B 85 -2.30 14.07 9.53
C ILE B 85 -1.99 15.32 8.74
N GLU B 86 -0.93 15.26 7.92
N GLU B 86 -0.90 15.28 7.93
CA GLU B 86 -0.54 16.38 7.12
CA GLU B 86 -0.53 16.38 7.07
C GLU B 86 -1.59 16.75 6.04
C GLU B 86 -1.63 16.75 6.07
N ASN B 87 -2.24 15.77 5.42
CA ASN B 87 -3.40 15.99 4.53
C ASN B 87 -4.56 16.72 5.30
N LEU B 88 -4.87 16.28 6.51
CA LEU B 88 -5.90 17.02 7.33
C LEU B 88 -5.49 18.45 7.58
N LYS B 89 -4.28 18.63 8.09
CA LYS B 89 -3.79 19.99 8.31
C LYS B 89 -3.77 20.86 7.05
N GLN B 90 -3.46 20.22 5.95
CA GLN B 90 -3.35 20.92 4.68
C GLN B 90 -4.75 21.38 4.28
N ASN B 91 -5.76 20.66 4.68
CA ASN B 91 -7.16 21.08 4.49
C ASN B 91 -7.74 21.92 5.62
N ASP B 92 -6.92 22.51 6.47
CA ASP B 92 -7.39 23.31 7.61
C ASP B 92 -8.38 22.63 8.61
N ILE B 93 -8.23 21.34 8.79
CA ILE B 93 -8.94 20.54 9.82
C ILE B 93 -8.10 20.42 11.06
N SER B 94 -8.69 20.66 12.23
CA SER B 94 -8.01 20.48 13.52
C SER B 94 -7.74 18.99 13.73
N THR B 95 -6.50 18.64 14.07
CA THR B 95 -6.08 17.27 14.32
C THR B 95 -5.69 17.06 15.78
N GLU B 96 -6.22 17.91 16.66
CA GLU B 96 -6.05 17.79 18.08
C GLU B 96 -6.42 16.40 18.61
N PHE B 97 -7.50 15.81 18.10
CA PHE B 97 -7.88 14.49 18.54
C PHE B 97 -7.87 13.49 17.39
N THR B 98 -6.89 13.64 16.51
CA THR B 98 -6.50 12.60 15.61
C THR B 98 -5.49 11.83 16.38
N TYR B 99 -5.77 10.62 16.83
CA TYR B 99 -4.88 9.86 17.65
C TYR B 99 -3.98 8.99 16.72
N GLN B 100 -2.76 8.73 17.17
CA GLN B 100 -1.87 7.77 16.51
C GLN B 100 -1.62 6.63 17.44
N THR B 101 -1.67 5.43 16.98
CA THR B 101 -1.41 4.28 17.83
C THR B 101 -0.28 3.40 17.24
N LYS B 102 0.55 2.86 18.12
CA LYS B 102 1.53 1.81 17.74
C LYS B 102 0.93 0.49 17.54
N ASP B 103 -0.31 0.26 17.95
CA ASP B 103 -0.90 -1.10 17.99
C ASP B 103 -1.47 -1.59 16.69
N ALA B 104 -1.66 -0.67 15.71
CA ALA B 104 -2.13 -1.08 14.41
C ALA B 104 -1.65 -0.06 13.38
N ALA B 105 -1.56 -0.49 12.13
CA ALA B 105 -1.33 0.40 11.05
C ALA B 105 -2.53 1.27 10.71
N THR B 106 -2.24 2.41 10.07
CA THR B 106 -3.29 3.20 9.48
C THR B 106 -4.20 2.39 8.56
N GLY B 107 -5.51 2.68 8.63
CA GLY B 107 -6.47 1.93 7.79
C GLY B 107 -5.98 1.96 6.29
N THR B 108 -6.14 0.86 5.59
CA THR B 108 -5.75 0.80 4.16
C THR B 108 -6.83 0.21 3.26
N ALA B 109 -6.88 0.67 2.01
CA ALA B 109 -7.67 -0.02 0.97
C ALA B 109 -6.76 -0.32 -0.20
N SER B 110 -6.44 -1.59 -0.41
CA SER B 110 -5.52 -1.93 -1.50
C SER B 110 -6.41 -2.32 -2.67
N ILE B 111 -6.25 -1.57 -3.77
CA ILE B 111 -7.10 -1.64 -4.95
C ILE B 111 -6.23 -1.97 -6.22
N ILE B 112 -6.59 -3.03 -6.91
CA ILE B 112 -5.99 -3.44 -8.17
C ILE B 112 -7.06 -3.31 -9.25
N VAL B 113 -6.79 -2.53 -10.32
CA VAL B 113 -7.71 -2.33 -11.41
C VAL B 113 -7.11 -2.73 -12.76
N ASN B 114 -7.77 -3.58 -13.53
CA ASN B 114 -7.30 -3.99 -14.83
C ASN B 114 -7.79 -3.07 -15.98
N ASN B 115 -7.40 -3.40 -17.18
CA ASN B 115 -7.68 -2.59 -18.41
C ASN B 115 -9.17 -2.55 -18.76
N GLU B 116 -9.95 -3.48 -18.19
CA GLU B 116 -11.37 -3.56 -18.37
C GLU B 116 -12.15 -2.90 -17.27
N GLY B 117 -11.50 -2.22 -16.32
CA GLY B 117 -12.18 -1.56 -15.28
C GLY B 117 -12.58 -2.54 -14.15
N GLN B 118 -12.24 -3.82 -14.23
CA GLN B 118 -12.61 -4.76 -13.11
C GLN B 118 -11.56 -4.68 -12.04
N ASN B 119 -11.97 -4.88 -10.79
CA ASN B 119 -11.06 -4.63 -9.68
C ASN B 119 -11.14 -5.62 -8.61
N ILE B 120 -10.12 -5.64 -7.77
CA ILE B 120 -10.17 -6.37 -6.46
C ILE B 120 -9.75 -5.39 -5.40
N ILE B 121 -10.44 -5.43 -4.28
CA ILE B 121 -10.24 -4.46 -3.21
C ILE B 121 -10.06 -5.28 -1.94
N VAL B 122 -9.02 -4.94 -1.19
CA VAL B 122 -8.79 -5.53 0.12
C VAL B 122 -8.65 -4.40 1.14
N ILE B 123 -9.61 -4.31 2.08
CA ILE B 123 -9.69 -3.26 3.08
C ILE B 123 -9.16 -3.80 4.40
N VAL B 124 -8.28 -3.05 5.04
CA VAL B 124 -7.81 -3.41 6.38
C VAL B 124 -8.08 -2.15 7.26
N ALA B 125 -9.14 -2.22 8.06
CA ALA B 125 -9.61 -1.05 8.80
C ALA B 125 -8.58 -0.55 9.80
N GLY B 126 -7.81 -1.44 10.38
CA GLY B 126 -6.66 -1.08 11.07
C GLY B 126 -6.96 -0.24 12.29
N ALA B 127 -6.18 0.82 12.41
CA ALA B 127 -6.23 1.71 13.55
C ALA B 127 -7.63 2.34 13.72
N ASN B 128 -8.40 2.48 12.64
CA ASN B 128 -9.71 3.01 12.82
C ASN B 128 -10.56 2.20 13.83
N LEU B 129 -10.36 0.90 13.89
CA LEU B 129 -11.09 0.06 14.80
C LEU B 129 -10.70 0.22 16.28
N LEU B 130 -9.58 0.89 16.55
CA LEU B 130 -9.08 1.08 17.89
C LEU B 130 -9.49 2.37 18.50
N LEU B 131 -10.12 3.22 17.77
CA LEU B 131 -10.74 4.44 18.36
C LEU B 131 -11.82 4.04 19.33
N ASN B 132 -11.72 4.48 20.54
CA ASN B 132 -12.55 3.90 21.61
C ASN B 132 -13.20 4.96 22.49
N THR B 133 -13.88 4.49 23.53
CA THR B 133 -14.67 5.42 24.38
C THR B 133 -13.76 6.39 25.10
N GLU B 134 -12.68 5.89 25.68
CA GLU B 134 -11.70 6.81 26.38
C GLU B 134 -11.26 7.91 25.43
N ASP B 135 -11.02 7.55 24.15
CA ASP B 135 -10.53 8.55 23.18
C ASP B 135 -11.56 9.65 22.97
N LEU B 136 -12.78 9.24 22.85
CA LEU B 136 -13.82 10.19 22.64
C LEU B 136 -14.03 11.06 23.89
N ARG B 137 -13.94 10.46 25.05
CA ARG B 137 -14.06 11.25 26.30
C ARG B 137 -13.01 12.32 26.39
N ALA B 138 -11.79 12.02 26.00
CA ALA B 138 -10.74 13.05 26.00
C ALA B 138 -11.07 14.21 25.07
N ALA B 139 -11.92 13.96 24.08
CA ALA B 139 -12.37 14.95 23.15
C ALA B 139 -13.67 15.65 23.52
N ALA B 140 -14.08 15.50 24.78
CA ALA B 140 -15.40 15.96 25.22
C ALA B 140 -15.53 17.42 25.02
N ASN B 141 -14.47 18.21 25.25
CA ASN B 141 -14.56 19.64 24.97
C ASN B 141 -14.94 20.05 23.56
N VAL B 142 -14.34 19.36 22.59
CA VAL B 142 -14.57 19.69 21.29
C VAL B 142 -15.98 19.22 20.87
N ILE B 143 -16.31 18.00 21.25
CA ILE B 143 -17.61 17.43 20.96
C ILE B 143 -18.75 18.28 21.49
N SER B 144 -18.61 18.80 22.74
CA SER B 144 -19.64 19.60 23.37
C SER B 144 -19.89 20.95 22.79
N ARG B 145 -18.85 21.54 22.22
CA ARG B 145 -18.94 22.91 21.75
C ARG B 145 -19.24 23.02 20.22
N ALA B 146 -19.27 21.87 19.58
CA ALA B 146 -19.67 21.77 18.18
C ALA B 146 -21.15 22.05 17.96
N LYS B 147 -21.49 22.33 16.72
CA LYS B 147 -22.91 22.42 16.35
C LYS B 147 -23.40 21.15 15.73
N VAL B 148 -22.52 20.43 15.07
CA VAL B 148 -22.88 19.21 14.39
C VAL B 148 -21.80 18.17 14.63
N MET B 149 -22.23 16.95 14.92
CA MET B 149 -21.41 15.79 15.06
C MET B 149 -21.78 14.90 13.90
N VAL B 150 -20.79 14.44 13.17
CA VAL B 150 -20.98 13.56 12.00
C VAL B 150 -20.29 12.20 12.25
N CYS B 151 -21.01 11.11 12.08
CA CYS B 151 -20.53 9.76 12.30
C CYS B 151 -20.88 8.87 11.12
N GLN B 152 -20.09 7.82 10.92
CA GLN B 152 -20.40 6.77 9.94
C GLN B 152 -20.22 5.42 10.56
N LEU B 153 -20.00 4.35 9.76
CA LEU B 153 -19.74 3.01 10.26
C LEU B 153 -18.46 2.38 9.78
N GLU B 154 -17.40 3.15 9.59
CA GLU B 154 -16.09 2.60 9.32
C GLU B 154 -15.14 2.54 10.62
N ILE B 155 -15.70 2.80 11.77
CA ILE B 155 -15.00 2.60 13.01
C ILE B 155 -15.81 1.60 13.76
N THR B 156 -15.45 1.21 14.96
CA THR B 156 -16.29 0.33 15.74
C THR B 156 -17.72 0.95 15.95
N PRO B 157 -18.81 0.14 15.75
CA PRO B 157 -20.15 0.67 15.87
C PRO B 157 -20.35 1.21 17.21
N ALA B 158 -19.90 0.49 18.22
CA ALA B 158 -20.02 1.02 19.57
C ALA B 158 -19.41 2.41 19.78
N THR B 159 -18.28 2.71 19.10
CA THR B 159 -17.69 4.02 19.23
C THR B 159 -18.54 5.07 18.58
N SER B 160 -18.99 4.86 17.33
CA SER B 160 -19.98 5.76 16.73
C SER B 160 -21.21 5.99 17.62
N LEU B 161 -21.71 4.94 18.24
CA LEU B 161 -22.88 5.07 19.09
C LEU B 161 -22.59 5.96 20.26
N GLU B 162 -21.42 5.77 20.87
CA GLU B 162 -21.02 6.66 21.96
C GLU B 162 -20.85 8.14 21.52
N ALA B 163 -20.29 8.37 20.36
CA ALA B 163 -20.14 9.70 19.85
C ALA B 163 -21.49 10.36 19.72
N LEU B 164 -22.43 9.63 19.15
CA LEU B 164 -23.80 10.14 19.05
C LEU B 164 -24.46 10.47 20.40
N THR B 165 -24.24 9.59 21.37
CA THR B 165 -24.75 9.78 22.70
C THR B 165 -24.11 11.04 23.37
N MET B 166 -22.79 11.19 23.26
CA MET B 166 -22.09 12.35 23.82
C MET B 166 -22.63 13.61 23.17
N ALA B 167 -22.84 13.59 21.87
CA ALA B 167 -23.45 14.75 21.14
C ALA B 167 -24.84 15.10 21.65
N ARG B 168 -25.74 14.11 21.72
CA ARG B 168 -27.09 14.31 22.30
C ARG B 168 -27.01 14.87 23.72
N ARG B 169 -26.13 14.34 24.55
CA ARG B 169 -26.18 14.86 25.90
C ARG B 169 -25.71 16.30 26.03
N SER B 170 -25.00 16.85 25.04
CA SER B 170 -24.64 18.29 25.04
C SER B 170 -25.56 19.09 24.04
N GLY B 171 -26.62 18.50 23.52
CA GLY B 171 -27.48 19.23 22.64
C GLY B 171 -26.86 19.52 21.27
N VAL B 172 -25.88 18.73 20.85
CA VAL B 172 -25.25 18.91 19.55
C VAL B 172 -26.08 18.10 18.55
N LYS B 173 -26.34 18.71 17.42
CA LYS B 173 -27.04 18.02 16.33
C LYS B 173 -26.31 16.84 15.75
N THR B 174 -26.97 15.74 15.56
CA THR B 174 -26.31 14.53 15.10
C THR B 174 -26.66 14.22 13.65
N LEU B 175 -25.62 14.06 12.82
CA LEU B 175 -25.75 13.61 11.39
C LEU B 175 -25.12 12.26 11.27
N PHE B 176 -25.92 11.23 11.07
CA PHE B 176 -25.44 9.89 11.03
C PHE B 176 -25.57 9.28 9.61
N ASN B 177 -24.51 8.68 9.15
CA ASN B 177 -24.38 8.07 7.80
C ASN B 177 -24.00 6.59 7.99
N PRO B 178 -24.97 5.68 7.96
CA PRO B 178 -24.75 4.27 8.23
C PRO B 178 -24.16 3.56 7.07
N ALA B 179 -22.90 3.86 6.80
CA ALA B 179 -22.18 3.38 5.63
C ALA B 179 -20.79 2.89 6.07
N PRO B 180 -20.39 1.67 5.66
CA PRO B 180 -21.22 0.67 5.00
C PRO B 180 -22.33 0.19 5.90
N ALA B 181 -23.47 -0.17 5.32
CA ALA B 181 -24.62 -0.52 6.15
C ALA B 181 -24.46 -1.91 6.70
N ILE B 182 -25.18 -2.15 7.80
CA ILE B 182 -25.12 -3.36 8.62
C ILE B 182 -26.58 -3.81 8.79
N ALA B 183 -26.86 -5.07 8.51
CA ALA B 183 -28.23 -5.53 8.55
C ALA B 183 -28.93 -5.42 9.89
N ASP B 184 -28.22 -5.70 10.98
CA ASP B 184 -28.83 -5.69 12.35
C ASP B 184 -28.42 -4.42 13.08
N LEU B 185 -28.59 -3.26 12.47
CA LEU B 185 -28.10 -2.08 13.14
C LEU B 185 -28.79 -1.83 14.48
N ASP B 186 -28.03 -1.52 15.54
CA ASP B 186 -28.64 -1.26 16.89
C ASP B 186 -29.76 -0.21 16.78
N PRO B 187 -30.95 -0.49 17.36
CA PRO B 187 -32.06 0.48 17.30
C PRO B 187 -31.74 1.89 17.81
N GLN B 188 -30.80 2.00 18.73
CA GLN B 188 -30.38 3.31 19.20
C GLN B 188 -29.79 4.22 18.12
N PHE B 189 -29.22 3.65 17.05
CA PHE B 189 -28.65 4.53 16.07
C PHE B 189 -29.72 5.45 15.56
N TYR B 190 -30.93 4.90 15.41
CA TYR B 190 -31.99 5.65 14.80
C TYR B 190 -32.49 6.70 15.73
N THR B 191 -32.71 6.31 16.99
CA THR B 191 -33.23 7.25 17.95
C THR B 191 -32.19 8.34 18.24
N LEU B 192 -30.91 8.08 18.04
CA LEU B 192 -29.91 9.12 18.27
C LEU B 192 -29.59 10.00 17.11
N SER B 193 -30.32 9.85 15.99
CA SER B 193 -29.97 10.52 14.75
C SER B 193 -30.94 11.61 14.51
N ASP B 194 -30.47 12.86 14.57
CA ASP B 194 -31.31 13.99 14.14
C ASP B 194 -31.50 14.00 12.63
N VAL B 195 -30.42 13.70 11.92
CA VAL B 195 -30.46 13.56 10.45
C VAL B 195 -29.71 12.29 10.11
N PHE B 196 -30.42 11.38 9.43
CA PHE B 196 -29.96 10.04 9.09
C PHE B 196 -29.92 9.99 7.58
N CYS B 197 -28.71 9.81 7.03
CA CYS B 197 -28.47 9.97 5.59
C CYS B 197 -27.77 8.76 5.03
N CYS B 198 -28.34 8.15 3.99
CA CYS B 198 -27.73 6.93 3.43
C CYS B 198 -28.06 6.83 1.98
N ASN B 199 -27.48 5.85 1.27
CA ASN B 199 -27.84 5.64 -0.16
C ASN B 199 -28.86 4.51 -0.40
N GLU B 200 -29.19 4.24 -1.67
CA GLU B 200 -30.18 3.23 -1.98
C GLU B 200 -29.82 1.84 -1.52
N SER B 201 -28.63 1.38 -1.89
CA SER B 201 -28.24 0.04 -1.49
C SER B 201 -28.07 -0.08 0.06
N GLU B 202 -27.68 0.99 0.77
CA GLU B 202 -27.68 0.96 2.26
C GLU B 202 -29.08 0.82 2.81
N ALA B 203 -30.02 1.57 2.24
CA ALA B 203 -31.41 1.48 2.69
C ALA B 203 -31.97 0.06 2.53
N GLU B 204 -31.58 -0.62 1.45
CA GLU B 204 -32.07 -1.96 1.19
C GLU B 204 -31.57 -2.86 2.28
N ILE B 205 -30.28 -2.73 2.60
CA ILE B 205 -29.66 -3.59 3.63
C ILE B 205 -30.36 -3.33 4.98
N LEU B 206 -30.64 -2.07 5.27
CA LEU B 206 -31.16 -1.68 6.58
C LEU B 206 -32.60 -2.07 6.82
N THR B 207 -33.40 -2.03 5.77
CA THR B 207 -34.84 -2.31 5.85
C THR B 207 -35.27 -3.65 5.27
N GLY B 208 -34.38 -4.38 4.61
CA GLY B 208 -34.74 -5.59 3.88
C GLY B 208 -35.55 -5.42 2.59
N LEU B 209 -35.80 -4.17 2.16
CA LEU B 209 -36.63 -3.92 0.98
C LEU B 209 -35.77 -3.75 -0.23
N THR B 210 -36.46 -3.64 -1.37
CA THR B 210 -35.95 -3.29 -2.68
C THR B 210 -36.16 -1.81 -2.94
N VAL B 211 -35.11 -1.13 -3.37
CA VAL B 211 -35.22 0.26 -3.75
C VAL B 211 -34.74 0.44 -5.22
N GLY B 212 -35.65 0.20 -6.17
CA GLY B 212 -35.38 0.48 -7.58
C GLY B 212 -36.09 1.71 -8.13
N SER B 213 -36.45 2.68 -7.28
CA SER B 213 -37.21 3.86 -7.72
C SER B 213 -37.20 4.93 -6.63
N ALA B 214 -37.59 6.17 -6.96
CA ALA B 214 -37.61 7.23 -5.92
C ALA B 214 -38.81 6.99 -4.97
N ALA B 215 -39.85 6.38 -5.53
CA ALA B 215 -41.03 5.93 -4.80
C ALA B 215 -40.72 4.81 -3.81
N ASP B 216 -39.98 3.78 -4.28
CA ASP B 216 -39.48 2.68 -3.44
C ASP B 216 -38.61 3.21 -2.28
N ALA B 217 -37.81 4.24 -2.56
CA ALA B 217 -36.94 4.89 -1.60
C ALA B 217 -37.70 5.63 -0.55
N GLY B 218 -38.80 6.29 -0.96
CA GLY B 218 -39.67 6.96 0.01
C GLY B 218 -40.25 5.96 0.98
N GLU B 219 -40.59 4.77 0.50
CA GLU B 219 -41.13 3.72 1.36
C GLU B 219 -40.07 3.17 2.34
N ALA B 220 -38.87 2.90 1.86
CA ALA B 220 -37.74 2.55 2.74
C ALA B 220 -37.43 3.69 3.71
N ALA B 221 -37.46 4.93 3.24
CA ALA B 221 -37.23 6.07 4.11
C ALA B 221 -38.24 6.16 5.29
N LEU B 222 -39.50 5.83 4.98
CA LEU B 222 -40.53 5.83 5.97
C LEU B 222 -40.31 4.78 7.05
N VAL B 223 -39.99 3.55 6.65
CA VAL B 223 -39.59 2.53 7.63
C VAL B 223 -38.50 3.08 8.56
N LEU B 224 -37.46 3.66 7.96
CA LEU B 224 -36.33 4.16 8.74
C LEU B 224 -36.83 5.26 9.67
N LEU B 225 -37.73 6.10 9.18
CA LEU B 225 -38.27 7.19 9.96
C LEU B 225 -39.11 6.70 11.14
N LYS B 226 -39.90 5.68 10.92
CA LYS B 226 -40.65 4.99 12.00
C LYS B 226 -39.76 4.41 13.11
N ARG B 227 -38.49 4.08 12.84
CA ARG B 227 -37.58 3.55 13.88
C ARG B 227 -37.02 4.63 14.78
N GLY B 228 -37.27 5.89 14.44
CA GLY B 228 -37.04 7.00 15.33
C GLY B 228 -36.09 8.07 14.89
N CYS B 229 -35.66 8.09 13.61
CA CYS B 229 -34.86 9.21 13.10
C CYS B 229 -35.75 10.43 13.07
N GLN B 230 -35.23 11.62 13.35
CA GLN B 230 -36.01 12.87 13.14
C GLN B 230 -36.19 13.14 11.65
N VAL B 231 -35.10 13.02 10.88
CA VAL B 231 -35.06 13.36 9.45
C VAL B 231 -34.38 12.19 8.77
N VAL B 232 -34.97 11.69 7.66
CA VAL B 232 -34.29 10.66 6.89
C VAL B 232 -34.04 11.18 5.44
N ILE B 233 -32.83 10.93 4.93
CA ILE B 233 -32.44 11.35 3.56
C ILE B 233 -31.83 10.14 2.91
N ILE B 234 -32.36 9.76 1.75
CA ILE B 234 -31.73 8.74 0.98
C ILE B 234 -31.23 9.38 -0.26
N THR B 235 -29.95 9.20 -0.54
CA THR B 235 -29.33 9.69 -1.78
C THR B 235 -29.58 8.71 -2.91
N LEU B 236 -29.74 9.28 -4.10
CA LEU B 236 -30.16 8.53 -5.29
C LEU B 236 -29.28 8.74 -6.50
N GLY B 237 -27.97 8.84 -6.29
CA GLY B 237 -27.02 9.10 -7.39
C GLY B 237 -27.45 10.30 -8.23
N ALA B 238 -27.44 10.10 -9.52
CA ALA B 238 -27.93 11.10 -10.52
C ALA B 238 -29.37 11.59 -10.25
N GLU B 239 -30.17 10.79 -9.55
CA GLU B 239 -31.58 11.18 -9.34
C GLU B 239 -31.74 12.19 -8.12
N GLY B 240 -30.62 12.61 -7.51
CA GLY B 240 -30.62 13.59 -6.39
C GLY B 240 -30.80 12.86 -5.06
N CYS B 241 -31.89 13.16 -4.35
CA CYS B 241 -32.18 12.52 -3.07
C CYS B 241 -33.66 12.61 -2.76
N VAL B 242 -34.10 11.82 -1.78
CA VAL B 242 -35.43 11.91 -1.22
C VAL B 242 -35.35 12.15 0.29
N VAL B 243 -36.25 13.01 0.79
CA VAL B 243 -36.30 13.43 2.21
C VAL B 243 -37.70 13.24 2.83
N LEU B 244 -37.67 12.86 4.09
CA LEU B 244 -38.82 12.81 4.99
C LEU B 244 -38.38 13.39 6.36
N SER B 245 -39.35 13.90 7.11
CA SER B 245 -39.16 14.24 8.50
C SER B 245 -40.34 13.85 9.37
N GLN B 246 -40.11 13.82 10.69
CA GLN B 246 -41.19 13.59 11.65
C GLN B 246 -42.30 14.62 11.43
N THR B 247 -41.93 15.90 11.27
CA THR B 247 -42.93 16.96 11.12
C THR B 247 -43.54 16.90 9.72
N GLU B 248 -42.76 16.52 8.71
CA GLU B 248 -43.26 16.38 7.31
C GLU B 248 -42.99 15.02 6.72
N PRO B 249 -43.80 14.00 7.10
CA PRO B 249 -43.48 12.61 6.73
C PRO B 249 -43.67 12.20 5.25
N GLU B 250 -44.22 13.09 4.43
CA GLU B 250 -44.41 12.78 3.02
C GLU B 250 -43.08 12.84 2.31
N PRO B 251 -42.66 11.74 1.63
CA PRO B 251 -41.36 11.79 0.91
C PRO B 251 -41.33 12.92 -0.10
N LYS B 252 -40.33 13.79 -0.06
CA LYS B 252 -40.16 14.83 -1.07
C LYS B 252 -38.91 14.51 -1.91
N HIS B 253 -39.09 14.35 -3.21
CA HIS B 253 -38.00 14.10 -4.13
C HIS B 253 -37.35 15.44 -4.49
N ILE B 254 -36.03 15.49 -4.41
CA ILE B 254 -35.27 16.67 -4.84
C ILE B 254 -34.40 16.15 -5.96
N PRO B 255 -34.78 16.42 -7.22
CA PRO B 255 -33.88 16.08 -8.32
C PRO B 255 -32.59 16.91 -8.40
N THR B 256 -31.69 16.55 -9.31
CA THR B 256 -30.47 17.29 -9.52
C THR B 256 -30.23 17.35 -11.04
N GLU B 257 -29.86 18.51 -11.60
CA GLU B 257 -29.80 18.59 -13.11
C GLU B 257 -28.67 17.68 -13.67
N LYS B 258 -28.91 16.99 -14.78
CA LYS B 258 -27.91 16.06 -15.33
C LYS B 258 -26.60 16.83 -15.56
N VAL B 259 -25.46 16.19 -15.24
CA VAL B 259 -24.10 16.67 -15.61
C VAL B 259 -23.35 15.46 -16.21
N LYS B 260 -22.20 15.76 -16.87
CA LYS B 260 -21.34 14.73 -17.49
C LYS B 260 -20.45 14.25 -16.35
N ALA B 261 -20.80 13.10 -15.75
CA ALA B 261 -20.06 12.56 -14.62
C ALA B 261 -18.74 12.02 -15.12
N VAL B 262 -17.66 12.39 -14.46
CA VAL B 262 -16.32 11.92 -14.73
C VAL B 262 -15.94 10.81 -13.71
N ASP B 263 -16.19 11.00 -12.42
CA ASP B 263 -15.87 9.97 -11.47
C ASP B 263 -16.67 10.26 -10.24
N THR B 264 -17.62 9.39 -9.95
CA THR B 264 -18.54 9.59 -8.87
C THR B 264 -18.04 9.08 -7.54
N THR B 265 -16.78 8.63 -7.46
CA THR B 265 -16.28 8.02 -6.28
C THR B 265 -16.28 9.09 -5.18
N GLY B 266 -16.81 8.71 -4.03
CA GLY B 266 -16.85 9.63 -2.84
C GLY B 266 -17.85 10.77 -2.97
N ALA B 267 -18.75 10.66 -3.95
CA ALA B 267 -19.82 11.68 -4.10
C ALA B 267 -20.72 11.79 -2.84
N GLY B 268 -21.02 10.66 -2.21
CA GLY B 268 -21.88 10.62 -1.05
C GLY B 268 -21.28 11.34 0.13
N ASP B 269 -19.97 11.23 0.24
CA ASP B 269 -19.22 11.91 1.30
C ASP B 269 -19.16 13.42 1.06
N SER B 270 -19.09 13.81 -0.21
CA SER B 270 -19.16 15.24 -0.55
C SER B 270 -20.54 15.77 -0.14
N PHE B 271 -21.56 14.99 -0.41
CA PHE B 271 -22.93 15.37 -0.08
C PHE B 271 -23.05 15.56 1.42
N VAL B 272 -22.64 14.54 2.15
CA VAL B 272 -22.79 14.57 3.61
C VAL B 272 -22.00 15.70 4.26
N GLY B 273 -20.77 15.94 3.81
CA GLY B 273 -19.97 16.97 4.31
C GLY B 273 -20.57 18.33 4.10
N ALA B 274 -21.12 18.55 2.92
CA ALA B 274 -21.82 19.77 2.61
C ALA B 274 -23.08 19.97 3.51
N LEU B 275 -23.84 18.89 3.69
CA LEU B 275 -24.96 18.96 4.58
C LEU B 275 -24.53 19.35 5.98
N ALA B 276 -23.41 18.79 6.43
CA ALA B 276 -22.91 19.13 7.73
C ALA B 276 -22.60 20.61 7.81
N PHE B 277 -21.93 21.09 6.75
CA PHE B 277 -21.65 22.51 6.64
C PHE B 277 -22.88 23.39 6.79
N TYR B 278 -23.92 23.08 6.01
CA TYR B 278 -25.14 23.88 6.14
C TYR B 278 -25.85 23.84 7.46
N LEU B 279 -25.92 22.65 8.05
CA LEU B 279 -26.60 22.47 9.32
C LEU B 279 -25.93 23.32 10.38
N ALA B 280 -24.61 23.43 10.26
CA ALA B 280 -23.83 24.14 11.25
C ALA B 280 -23.83 25.67 11.02
N TYR B 281 -23.78 26.09 9.76
CA TYR B 281 -23.53 27.50 9.40
C TYR B 281 -24.75 28.21 8.81
N TYR B 282 -25.72 27.48 8.30
CA TYR B 282 -26.93 28.07 7.70
C TYR B 282 -28.16 27.45 8.30
N PRO B 283 -28.28 27.51 9.63
CA PRO B 283 -29.35 26.76 10.30
C PRO B 283 -30.76 27.20 9.87
N ASN B 284 -30.90 28.46 9.42
CA ASN B 284 -32.17 29.00 9.02
C ASN B 284 -32.52 28.74 7.57
N LEU B 285 -31.71 28.01 6.80
CA LEU B 285 -32.22 27.53 5.50
C LEU B 285 -33.19 26.42 5.78
N SER B 286 -34.13 26.28 4.87
CA SER B 286 -35.00 25.13 4.90
C SER B 286 -34.17 23.92 4.52
N LEU B 287 -34.74 22.77 4.82
CA LEU B 287 -34.11 21.49 4.59
C LEU B 287 -34.04 21.18 3.09
N GLU B 288 -35.10 21.52 2.40
CA GLU B 288 -35.15 21.42 0.96
C GLU B 288 -34.03 22.24 0.29
N ASP B 289 -33.82 23.46 0.80
CA ASP B 289 -32.80 24.36 0.30
C ASP B 289 -31.41 23.79 0.56
N MET B 290 -31.18 23.33 1.79
CA MET B 290 -29.90 22.70 2.11
C MET B 290 -29.58 21.53 1.15
N LEU B 291 -30.59 20.74 0.83
CA LEU B 291 -30.35 19.55 0.07
C LEU B 291 -30.10 19.88 -1.42
N ASN B 292 -30.67 20.97 -1.94
CA ASN B 292 -30.28 21.48 -3.26
C ASN B 292 -28.83 21.86 -3.33
N ARG B 293 -28.38 22.59 -2.32
CA ARG B 293 -27.02 23.10 -2.32
C ARG B 293 -26.08 21.94 -2.19
N SER B 294 -26.47 20.98 -1.37
CA SER B 294 -25.65 19.81 -1.12
C SER B 294 -25.53 18.94 -2.38
N ASN B 295 -26.66 18.71 -3.04
CA ASN B 295 -26.74 17.99 -4.34
C ASN B 295 -25.82 18.63 -5.36
N PHE B 296 -25.89 19.97 -5.43
CA PHE B 296 -25.04 20.75 -6.34
C PHE B 296 -23.56 20.56 -6.10
N ILE B 297 -23.15 20.69 -4.83
CA ILE B 297 -21.74 20.52 -4.46
C ILE B 297 -21.27 19.10 -4.77
N ALA B 298 -22.09 18.11 -4.43
CA ALA B 298 -21.74 16.72 -4.72
C ALA B 298 -21.64 16.50 -6.21
N ALA B 299 -22.53 17.13 -6.95
CA ALA B 299 -22.55 17.01 -8.42
C ALA B 299 -21.29 17.62 -9.01
N VAL B 300 -20.72 18.66 -8.38
CA VAL B 300 -19.43 19.20 -8.78
C VAL B 300 -18.38 18.15 -8.55
N SER B 301 -18.36 17.53 -7.40
CA SER B 301 -17.33 16.53 -7.16
C SER B 301 -17.32 15.43 -8.26
N VAL B 302 -18.50 15.08 -8.73
CA VAL B 302 -18.70 14.04 -9.75
C VAL B 302 -18.07 14.37 -11.11
N GLN B 303 -17.69 15.64 -11.32
CA GLN B 303 -17.14 16.03 -12.60
C GLN B 303 -15.61 16.06 -12.67
N ALA B 304 -14.95 15.66 -11.59
CA ALA B 304 -13.50 15.52 -11.56
C ALA B 304 -13.08 14.22 -10.84
N ALA B 305 -11.85 13.81 -11.07
CA ALA B 305 -11.37 12.52 -10.61
C ALA B 305 -10.80 12.70 -9.27
N GLY B 306 -10.75 11.61 -8.54
CA GLY B 306 -9.84 11.50 -7.39
C GLY B 306 -10.33 11.82 -5.97
N THR B 307 -11.63 11.61 -5.78
CA THR B 307 -12.24 11.64 -4.46
C THR B 307 -11.94 12.96 -3.73
N GLN B 308 -11.17 13.00 -2.65
CA GLN B 308 -10.94 14.29 -1.96
C GLN B 308 -10.46 15.41 -2.89
N SER B 309 -9.58 15.05 -3.83
CA SER B 309 -9.05 16.01 -4.79
C SER B 309 -10.18 16.60 -5.69
N SER B 310 -11.35 15.96 -5.82
CA SER B 310 -12.45 16.53 -6.58
C SER B 310 -13.42 17.40 -5.80
N TYR B 311 -13.22 17.53 -4.48
CA TYR B 311 -14.14 18.24 -3.60
C TYR B 311 -13.91 19.72 -3.73
N PRO B 312 -14.93 20.48 -4.16
CA PRO B 312 -14.68 21.91 -4.46
C PRO B 312 -14.46 22.75 -3.20
N TYR B 313 -13.67 23.79 -3.38
CA TYR B 313 -13.51 24.85 -2.42
C TYR B 313 -14.58 25.90 -2.67
N LYS B 314 -14.87 26.62 -1.60
CA LYS B 314 -15.87 27.68 -1.62
C LYS B 314 -15.56 28.67 -2.78
N LYS B 315 -14.30 29.08 -2.89
CA LYS B 315 -13.89 30.08 -3.92
C LYS B 315 -14.13 29.64 -5.36
N ASP B 316 -14.44 28.39 -5.62
CA ASP B 316 -14.56 27.89 -6.99
C ASP B 316 -16.00 27.57 -7.28
N LEU B 317 -16.88 27.97 -6.37
CA LEU B 317 -18.29 27.65 -6.46
C LEU B 317 -19.10 28.92 -6.55
N PRO B 318 -20.33 28.83 -7.10
CA PRO B 318 -21.10 30.06 -7.21
C PRO B 318 -21.43 30.64 -5.83
N LEU B 319 -21.33 31.96 -5.73
CA LEU B 319 -21.54 32.67 -4.47
C LEU B 319 -22.96 32.45 -3.89
N THR B 320 -23.93 32.25 -4.79
CA THR B 320 -25.33 31.86 -4.43
C THR B 320 -25.44 30.71 -3.40
N LEU B 321 -24.51 29.76 -3.39
CA LEU B 321 -24.53 28.68 -2.38
C LEU B 321 -24.24 29.10 -0.93
N PHE B 322 -23.83 30.36 -0.76
CA PHE B 322 -23.35 30.90 0.49
C PHE B 322 -24.12 32.15 0.92
N LEU B 323 -25.32 32.36 0.40
CA LEU B 323 -26.17 33.50 0.82
C LEU B 323 -27.54 33.01 1.31
N GLU B 324 -28.40 33.88 1.89
CA GLU B 324 -29.79 33.50 2.27
C GLU B 324 -30.82 33.85 1.16
N HIS B 325 -31.60 32.89 0.65
CA HIS B 325 -32.63 33.14 -0.50
C HIS B 325 -32.41 32.34 -1.81
#